data_3HN5
#
_entry.id   3HN5
#
_cell.length_a   51.087
_cell.length_b   62.446
_cell.length_c   120.267
_cell.angle_alpha   90.00
_cell.angle_beta   90.00
_cell.angle_gamma   90.00
#
_symmetry.space_group_name_H-M   'P 21 21 21'
#
loop_
_entity.id
_entity.type
_entity.pdbx_description
1 polymer 'Putative exported protein BF0290'
2 water water
#
_entity_poly.entity_id   1
_entity_poly.type   'polypeptide(L)'
_entity_poly.pdbx_seq_one_letter_code
;G(MSE)KDNYDAPES(MSE)LTGRV(MSE)YNGEALQLRGNEAVQLQLYQHGYAKHDPINVYVNQDG(MSE)YSANLFDG
EYQ(MSE)ITKSGNGPWTSEGRDTINVTVAGNTVQDVEVTPYYLVRDAQ(MSE)TLEGNKVNASFKVEKVAGGGIDRVFF
(MSE)LSTTQFVNDAEHNVDRYDETDNLDAYDETGKLYTFATRDYTDNS(MSE)FQTALKRGTLFGRICIWPKGSDQGIY
SKVIRLK
;
_entity_poly.pdbx_strand_id   A,B
#
# COMPACT_ATOMS: atom_id res chain seq x y z
N GLU A 10 -19.42 -10.90 -24.01
CA GLU A 10 -18.83 -10.03 -22.93
C GLU A 10 -18.13 -8.80 -23.53
N SER A 11 -18.25 -7.68 -22.83
CA SER A 11 -17.75 -6.40 -23.29
C SER A 11 -16.44 -6.10 -22.61
N MSE A 12 -15.68 -5.18 -23.18
CA MSE A 12 -14.41 -4.75 -22.60
C MSE A 12 -14.49 -3.31 -22.12
O MSE A 12 -14.85 -2.42 -22.88
CB MSE A 12 -13.28 -4.90 -23.59
CG MSE A 12 -13.01 -6.33 -23.96
SE MSE A 12 -11.59 -6.41 -25.23
CE MSE A 12 -10.50 -4.88 -24.69
N LEU A 13 -14.20 -3.12 -20.84
CA LEU A 13 -14.05 -1.82 -20.26
C LEU A 13 -12.53 -1.57 -20.25
N THR A 14 -12.11 -0.49 -20.90
CA THR A 14 -10.72 -0.13 -20.97
C THR A 14 -10.56 1.31 -20.57
N GLY A 15 -9.34 1.63 -20.23
CA GLY A 15 -8.97 3.02 -19.95
C GLY A 15 -7.59 3.15 -19.43
N ARG A 16 -7.30 4.35 -18.94
CA ARG A 16 -5.98 4.71 -18.50
C ARG A 16 -6.05 5.35 -17.14
N VAL A 17 -5.01 5.08 -16.34
CA VAL A 17 -4.78 5.81 -15.10
C VAL A 17 -3.88 6.93 -15.50
N MSE A 18 -4.34 8.15 -15.32
CA MSE A 18 -3.65 9.29 -15.90
C MSE A 18 -3.60 10.48 -14.98
O MSE A 18 -4.37 10.59 -14.01
CB MSE A 18 -4.32 9.70 -17.21
CG MSE A 18 -5.76 9.95 -17.05
SE MSE A 18 -6.22 11.37 -18.24
CE MSE A 18 -6.58 10.16 -19.74
N TYR A 19 -2.68 11.38 -15.28
CA TYR A 19 -2.55 12.65 -14.59
C TYR A 19 -2.37 13.72 -15.65
N ASN A 20 -3.26 14.70 -15.64
CA ASN A 20 -3.13 15.90 -16.48
C ASN A 20 -2.93 15.53 -17.94
N GLY A 21 -3.65 14.54 -18.39
CA GLY A 21 -3.69 14.19 -19.78
C GLY A 21 -2.77 13.05 -20.19
N GLU A 22 -1.91 12.61 -19.28
CA GLU A 22 -0.90 11.62 -19.58
C GLU A 22 -1.02 10.36 -18.73
N ALA A 23 -1.02 9.20 -19.41
CA ALA A 23 -1.03 7.90 -18.74
C ALA A 23 0.23 7.76 -17.91
N LEU A 24 0.11 7.24 -16.71
CA LEU A 24 1.29 6.97 -15.87
C LEU A 24 2.13 5.75 -16.24
N GLN A 25 3.41 5.85 -15.94
CA GLN A 25 4.40 4.77 -16.16
C GLN A 25 4.56 4.00 -14.83
N LEU A 26 4.09 2.74 -14.84
CA LEU A 26 3.97 1.94 -13.65
C LEU A 26 4.73 0.64 -13.77
N ARG A 27 4.79 -0.07 -12.66
N ARG A 27 4.74 -0.13 -12.70
CA ARG A 27 5.18 -1.46 -12.65
CA ARG A 27 5.49 -1.40 -12.67
C ARG A 27 3.97 -2.22 -13.17
C ARG A 27 5.02 -2.42 -13.71
N GLY A 28 4.18 -2.97 -14.23
N GLY A 28 3.71 -2.66 -13.77
CA GLY A 28 3.11 -3.72 -14.81
CA GLY A 28 3.17 -3.74 -14.55
C GLY A 28 2.93 -4.96 -13.97
C GLY A 28 3.09 -5.01 -13.72
N ASN A 29 2.91 -6.10 -14.62
N ASN A 29 2.85 -6.14 -14.37
CA ASN A 29 2.48 -7.30 -13.95
CA ASN A 29 2.76 -7.45 -13.71
C ASN A 29 1.17 -7.00 -13.20
C ASN A 29 2.03 -7.55 -12.34
N GLU A 30 1.16 -7.39 -11.95
N GLU A 30 0.77 -7.15 -12.36
CA GLU A 30 -0.05 -7.36 -11.21
CA GLU A 30 -0.17 -7.31 -11.23
C GLU A 30 0.06 -6.43 -10.01
N ALA A 31 0.93 -5.44 -10.12
CA ALA A 31 1.25 -4.67 -8.94
C ALA A 31 0.22 -3.59 -8.64
N VAL A 32 -0.45 -3.09 -9.66
CA VAL A 32 -1.40 -1.98 -9.50
C VAL A 32 -2.78 -2.43 -9.98
N GLN A 33 -3.75 -2.22 -9.11
CA GLN A 33 -5.10 -2.71 -9.27
C GLN A 33 -6.13 -1.57 -9.14
N LEU A 34 -7.18 -1.65 -9.95
CA LEU A 34 -8.38 -0.86 -9.73
C LEU A 34 -9.50 -1.82 -9.24
N GLN A 35 -10.55 -1.24 -8.69
CA GLN A 35 -11.65 -1.96 -8.17
C GLN A 35 -12.97 -1.55 -8.84
N LEU A 36 -13.76 -2.52 -9.18
CA LEU A 36 -15.08 -2.30 -9.77
C LEU A 36 -16.16 -2.88 -8.89
N TYR A 37 -17.09 -2.03 -8.48
CA TYR A 37 -18.16 -2.43 -7.58
C TYR A 37 -19.49 -2.46 -8.32
N GLN A 38 -20.24 -3.52 -8.13
CA GLN A 38 -21.57 -3.61 -8.71
C GLN A 38 -22.71 -3.52 -7.69
N HIS A 39 -22.42 -3.67 -6.41
CA HIS A 39 -23.46 -3.62 -5.38
C HIS A 39 -23.26 -2.54 -4.36
N GLY A 40 -22.66 -1.43 -4.75
CA GLY A 40 -22.37 -0.36 -3.83
C GLY A 40 -21.04 -0.56 -3.09
N TYR A 41 -20.41 0.55 -2.72
CA TYR A 41 -19.12 0.54 -2.02
C TYR A 41 -19.15 -0.19 -0.66
N ALA A 42 -20.26 -0.05 0.06
CA ALA A 42 -20.39 -0.62 1.42
C ALA A 42 -20.28 -2.14 1.41
N LYS A 43 -20.65 -2.78 0.29
CA LYS A 43 -20.63 -4.24 0.22
C LYS A 43 -19.25 -4.86 0.07
N HIS A 44 -18.24 -4.03 -0.17
CA HIS A 44 -16.85 -4.45 -0.07
C HIS A 44 -16.53 -5.77 -0.85
N ASP A 45 -17.11 -5.89 -2.05
CA ASP A 45 -16.98 -7.09 -2.84
C ASP A 45 -16.57 -6.80 -4.31
N PRO A 46 -15.45 -6.12 -4.53
CA PRO A 46 -15.18 -5.66 -5.88
C PRO A 46 -14.61 -6.71 -6.84
N ILE A 47 -14.72 -6.41 -8.13
CA ILE A 47 -14.00 -7.04 -9.21
C ILE A 47 -12.63 -6.39 -9.32
N ASN A 48 -11.59 -7.20 -9.54
CA ASN A 48 -10.22 -6.71 -9.67
C ASN A 48 -9.90 -6.49 -11.12
N VAL A 49 -9.23 -5.35 -11.40
CA VAL A 49 -8.75 -4.95 -12.72
C VAL A 49 -7.28 -4.54 -12.56
N TYR A 50 -6.36 -5.12 -13.35
CA TYR A 50 -4.95 -4.70 -13.28
C TYR A 50 -4.59 -3.62 -14.28
N VAL A 51 -3.63 -2.79 -13.88
CA VAL A 51 -3.15 -1.69 -14.73
C VAL A 51 -1.77 -2.04 -15.20
N ASN A 52 -1.50 -1.90 -16.49
CA ASN A 52 -0.20 -2.33 -17.01
C ASN A 52 0.89 -1.26 -16.86
N GLN A 53 2.07 -1.56 -17.39
CA GLN A 53 3.20 -0.70 -17.20
C GLN A 53 3.05 0.64 -17.86
N ASP A 54 2.17 0.75 -18.87
CA ASP A 54 1.88 1.99 -19.56
C ASP A 54 0.62 2.68 -19.09
N GLY A 55 0.08 2.26 -17.94
CA GLY A 55 -1.07 2.91 -17.28
C GLY A 55 -2.43 2.53 -17.87
N MSE A 56 -2.50 1.45 -18.65
CA MSE A 56 -3.72 1.02 -19.33
CA MSE A 56 -3.71 1.02 -19.34
C MSE A 56 -4.30 -0.19 -18.65
O MSE A 56 -3.55 -1.07 -18.20
CB MSE A 56 -3.42 0.66 -20.80
CB MSE A 56 -3.42 0.65 -20.81
CG MSE A 56 -2.87 1.78 -21.58
CG MSE A 56 -2.80 1.77 -21.58
SE MSE A 56 -2.17 1.15 -23.28
SE MSE A 56 -2.18 1.19 -23.33
CE MSE A 56 -3.81 0.36 -24.01
CE MSE A 56 -1.33 -0.44 -22.84
N TYR A 57 -5.63 -0.26 -18.61
CA TYR A 57 -6.29 -1.42 -18.04
C TYR A 57 -7.32 -1.91 -19.02
N SER A 58 -7.72 -3.17 -18.86
CA SER A 58 -8.77 -3.79 -19.64
C SER A 58 -9.44 -4.86 -18.79
N ALA A 59 -10.76 -4.82 -18.75
CA ALA A 59 -11.57 -5.74 -17.99
C ALA A 59 -12.66 -6.32 -18.91
N ASN A 60 -12.86 -7.65 -18.87
CA ASN A 60 -13.96 -8.30 -19.59
C ASN A 60 -15.16 -8.42 -18.64
N LEU A 61 -16.26 -7.78 -19.01
CA LEU A 61 -17.41 -7.57 -18.12
C LEU A 61 -18.70 -7.82 -18.89
N PHE A 62 -19.74 -8.19 -18.17
CA PHE A 62 -21.09 -8.10 -18.73
C PHE A 62 -21.56 -6.66 -18.68
N ASP A 63 -22.43 -6.33 -19.61
CA ASP A 63 -23.01 -4.99 -19.65
C ASP A 63 -23.73 -4.73 -18.35
N GLY A 64 -23.69 -3.47 -17.91
CA GLY A 64 -24.44 -3.05 -16.77
C GLY A 64 -23.75 -1.88 -16.12
N GLU A 65 -24.20 -1.57 -14.90
CA GLU A 65 -23.71 -0.41 -14.17
C GLU A 65 -22.64 -0.84 -13.18
N TYR A 66 -21.55 -0.08 -13.16
CA TYR A 66 -20.43 -0.29 -12.26
C TYR A 66 -19.97 1.03 -11.60
N GLN A 67 -19.34 0.91 -10.43
CA GLN A 67 -18.59 2.03 -9.84
C GLN A 67 -17.13 1.66 -9.79
N MSE A 68 -16.29 2.49 -10.37
CA MSE A 68 -14.86 2.17 -10.50
C MSE A 68 -14.11 3.10 -9.57
O MSE A 68 -14.45 4.29 -9.46
CB MSE A 68 -14.37 2.35 -11.94
CG MSE A 68 -12.87 2.17 -12.12
SE MSE A 68 -12.49 2.06 -13.98
CE MSE A 68 -11.82 0.19 -14.11
N ILE A 69 -13.08 2.58 -8.92
CA ILE A 69 -12.27 3.42 -8.01
C ILE A 69 -10.88 2.80 -7.92
N THR A 70 -9.87 3.60 -7.61
CA THR A 70 -8.55 3.08 -7.30
C THR A 70 -8.62 2.29 -5.98
N LYS A 71 -7.69 1.35 -5.81
CA LYS A 71 -7.57 0.56 -4.56
C LYS A 71 -6.82 1.41 -3.57
N SER A 72 -7.42 1.65 -2.40
CA SER A 72 -6.82 2.52 -1.42
C SER A 72 -5.37 2.11 -1.11
N GLY A 73 -4.47 3.08 -1.23
CA GLY A 73 -3.07 2.91 -0.92
C GLY A 73 -2.22 2.25 -1.96
N ASN A 74 -2.84 1.82 -3.07
CA ASN A 74 -2.14 1.04 -4.11
C ASN A 74 -1.91 1.91 -5.33
N GLY A 75 -0.64 2.18 -5.63
CA GLY A 75 -0.25 3.01 -6.77
C GLY A 75 0.50 4.24 -6.31
N PRO A 76 1.37 4.77 -7.18
CA PRO A 76 2.25 5.88 -6.82
C PRO A 76 1.54 7.21 -6.93
N TRP A 77 0.43 7.30 -6.21
CA TRP A 77 -0.37 8.51 -6.15
C TRP A 77 -1.04 8.61 -4.80
N THR A 78 -1.61 9.78 -4.52
CA THR A 78 -2.23 10.06 -3.24
C THR A 78 -3.74 9.77 -3.35
N SER A 79 -4.50 9.93 -2.25
CA SER A 79 -5.96 9.79 -2.33
C SER A 79 -6.71 11.06 -2.81
N GLU A 80 -5.98 12.11 -3.19
CA GLU A 80 -6.58 13.33 -3.73
C GLU A 80 -7.53 13.05 -4.89
N GLY A 81 -8.76 13.50 -4.74
CA GLY A 81 -9.78 13.28 -5.76
C GLY A 81 -10.24 11.84 -5.89
N ARG A 82 -9.94 10.99 -4.89
CA ARG A 82 -10.35 9.58 -5.02
C ARG A 82 -11.80 9.48 -4.70
N ASP A 83 -12.57 8.92 -5.61
CA ASP A 83 -14.02 8.75 -5.43
C ASP A 83 -14.49 7.73 -6.44
N THR A 84 -15.69 7.21 -6.26
CA THR A 84 -16.24 6.27 -7.23
C THR A 84 -16.59 7.00 -8.49
N ILE A 85 -16.44 6.31 -9.61
CA ILE A 85 -16.77 6.82 -10.93
C ILE A 85 -17.85 5.94 -11.46
N ASN A 86 -19.03 6.50 -11.75
CA ASN A 86 -20.12 5.69 -12.28
C ASN A 86 -19.91 5.38 -13.77
N VAL A 87 -19.90 4.08 -14.11
CA VAL A 87 -19.67 3.62 -15.45
C VAL A 87 -20.83 2.75 -15.91
N THR A 88 -21.32 3.05 -17.11
CA THR A 88 -22.33 2.22 -17.77
C THR A 88 -21.59 1.45 -18.86
N VAL A 89 -21.49 0.14 -18.66
CA VAL A 89 -20.88 -0.70 -19.68
C VAL A 89 -22.01 -1.13 -20.63
N ALA A 90 -21.88 -0.72 -21.89
CA ALA A 90 -22.80 -1.03 -23.00
C ALA A 90 -21.96 -1.32 -24.24
N GLY A 91 -21.67 -2.60 -24.44
CA GLY A 91 -20.60 -2.96 -25.36
C GLY A 91 -19.26 -2.44 -24.82
N ASN A 92 -18.26 -2.44 -25.67
CA ASN A 92 -16.93 -1.99 -25.27
C ASN A 92 -17.00 -0.53 -24.87
N THR A 93 -16.41 -0.22 -23.71
CA THR A 93 -16.64 1.09 -23.08
C THR A 93 -15.29 1.60 -22.55
N VAL A 94 -15.08 2.92 -22.62
CA VAL A 94 -13.84 3.53 -22.14
C VAL A 94 -14.15 4.38 -20.92
N GLN A 95 -13.31 4.26 -19.89
CA GLN A 95 -13.34 5.14 -18.71
C GLN A 95 -11.95 5.33 -18.14
N ASP A 96 -11.47 6.57 -18.18
CA ASP A 96 -10.18 6.90 -17.58
C ASP A 96 -10.37 7.23 -16.10
N VAL A 97 -9.26 7.15 -15.40
CA VAL A 97 -9.21 7.41 -13.95
C VAL A 97 -8.13 8.42 -13.71
N GLU A 98 -8.51 9.58 -13.15
CA GLU A 98 -7.54 10.60 -12.81
C GLU A 98 -6.99 10.44 -11.42
N VAL A 99 -5.68 10.62 -11.27
CA VAL A 99 -5.01 10.57 -10.00
C VAL A 99 -4.02 11.73 -9.88
N THR A 100 -3.57 11.94 -8.65
CA THR A 100 -2.53 12.91 -8.35
C THR A 100 -1.24 12.22 -7.91
N PRO A 101 -0.26 12.13 -8.82
CA PRO A 101 0.99 11.44 -8.44
C PRO A 101 1.80 12.16 -7.40
N TYR A 102 2.72 11.45 -6.78
CA TYR A 102 3.67 12.09 -5.88
C TYR A 102 4.72 12.83 -6.70
N TYR A 103 5.29 12.13 -7.67
CA TYR A 103 6.34 12.59 -8.56
C TYR A 103 6.13 12.01 -9.94
N LEU A 104 6.78 12.63 -10.92
CA LEU A 104 6.97 12.04 -12.24
C LEU A 104 8.45 12.09 -12.62
N VAL A 105 8.87 11.13 -13.42
CA VAL A 105 10.23 11.04 -13.92
C VAL A 105 10.25 11.73 -15.29
N ARG A 106 10.98 12.82 -15.40
CA ARG A 106 11.02 13.60 -16.63
C ARG A 106 12.40 13.54 -17.28
N ASP A 107 12.42 13.77 -18.58
CA ASP A 107 13.67 13.87 -19.34
C ASP A 107 14.63 12.71 -19.13
N ALA A 108 14.10 11.48 -18.97
CA ALA A 108 14.93 10.35 -18.72
C ALA A 108 15.86 10.10 -19.91
N GLN A 109 17.13 9.87 -19.61
CA GLN A 109 18.15 9.57 -20.61
C GLN A 109 19.05 8.47 -20.06
N MSE A 110 19.25 7.46 -20.89
CA MSE A 110 20.18 6.39 -20.59
C MSE A 110 20.98 6.14 -21.86
O MSE A 110 20.38 5.86 -22.92
CB MSE A 110 19.45 5.13 -20.11
CG MSE A 110 18.58 5.40 -18.88
SE MSE A 110 17.50 3.84 -18.44
CE MSE A 110 18.88 2.76 -17.72
N THR A 111 22.28 6.33 -21.74
CA THR A 111 23.20 6.27 -22.89
C THR A 111 24.32 5.24 -22.63
N LEU A 112 24.65 4.54 -23.69
CA LEU A 112 25.59 3.48 -23.65
C LEU A 112 26.90 4.02 -24.19
N GLU A 113 27.98 3.78 -23.46
CA GLU A 113 29.32 4.26 -23.81
C GLU A 113 30.28 3.13 -23.62
N GLY A 114 30.58 2.41 -24.71
CA GLY A 114 31.32 1.16 -24.60
C GLY A 114 30.59 0.17 -23.70
N ASN A 115 31.29 -0.29 -22.65
CA ASN A 115 30.68 -1.17 -21.67
C ASN A 115 29.97 -0.45 -20.51
N LYS A 116 29.96 0.88 -20.55
CA LYS A 116 29.34 1.69 -19.51
C LYS A 116 27.94 2.25 -19.84
N VAL A 117 27.13 2.42 -18.79
CA VAL A 117 25.83 3.10 -18.90
C VAL A 117 25.81 4.35 -18.03
N ASN A 118 25.40 5.47 -18.63
CA ASN A 118 25.15 6.74 -17.95
C ASN A 118 23.66 7.07 -18.00
N ALA A 119 23.08 7.25 -16.83
CA ALA A 119 21.65 7.47 -16.69
C ALA A 119 21.42 8.76 -15.92
N SER A 120 20.45 9.55 -16.37
CA SER A 120 20.00 10.75 -15.68
C SER A 120 18.52 11.04 -15.89
N PHE A 121 17.99 11.95 -15.09
CA PHE A 121 16.62 12.40 -15.24
C PHE A 121 16.36 13.67 -14.48
N LYS A 122 15.20 14.27 -14.72
CA LYS A 122 14.73 15.39 -13.93
C LYS A 122 13.48 15.05 -13.15
N VAL A 123 13.44 15.61 -11.94
CA VAL A 123 12.36 15.44 -11.01
C VAL A 123 11.23 16.39 -11.36
N GLU A 124 10.01 15.86 -11.46
CA GLU A 124 8.84 16.69 -11.37
C GLU A 124 8.10 16.35 -10.09
N LYS A 125 7.96 17.35 -9.23
CA LYS A 125 7.26 17.20 -7.96
C LYS A 125 5.78 17.56 -8.14
N VAL A 126 4.90 16.63 -7.79
CA VAL A 126 3.47 16.86 -7.91
C VAL A 126 2.94 16.96 -6.49
N ALA A 127 2.34 15.90 -5.93
CA ALA A 127 1.93 15.91 -4.50
C ALA A 127 3.14 16.08 -3.54
N GLY A 128 4.25 15.52 -3.94
CA GLY A 128 5.43 15.51 -3.12
C GLY A 128 5.34 14.62 -1.90
N GLY A 129 6.25 14.84 -0.96
CA GLY A 129 6.34 14.05 0.25
C GLY A 129 7.72 13.47 0.50
N GLY A 130 8.60 13.56 -0.48
CA GLY A 130 9.98 13.14 -0.33
C GLY A 130 10.26 11.91 -1.17
N ILE A 131 11.53 11.73 -1.49
CA ILE A 131 11.97 10.65 -2.34
C ILE A 131 12.70 9.62 -1.49
N ASP A 132 12.23 8.37 -1.54
CA ASP A 132 12.75 7.29 -0.71
C ASP A 132 14.00 6.63 -1.33
N ARG A 133 13.97 6.42 -2.64
CA ARG A 133 15.09 5.87 -3.34
C ARG A 133 14.90 6.19 -4.81
N VAL A 134 16.00 6.18 -5.55
CA VAL A 134 15.92 6.26 -7.02
C VAL A 134 16.80 5.15 -7.55
N PHE A 135 16.40 4.57 -8.70
CA PHE A 135 17.17 3.51 -9.27
C PHE A 135 16.94 3.35 -10.74
N PHE A 136 17.89 2.69 -11.41
CA PHE A 136 17.67 2.32 -12.81
C PHE A 136 17.84 0.85 -13.02
N MSE A 137 17.29 0.35 -14.13
CA MSE A 137 17.20 -1.06 -14.40
C MSE A 137 17.65 -1.28 -15.83
O MSE A 137 17.40 -0.45 -16.67
CB MSE A 137 15.73 -1.51 -14.26
CG MSE A 137 15.20 -1.48 -12.83
SE MSE A 137 13.41 -0.75 -12.72
CE MSE A 137 13.89 1.14 -12.76
N LEU A 138 18.25 -2.43 -16.07
CA LEU A 138 18.67 -2.85 -17.38
C LEU A 138 18.15 -4.25 -17.67
N SER A 139 17.83 -4.47 -18.93
CA SER A 139 17.18 -5.69 -19.30
C SER A 139 17.39 -5.95 -20.79
N THR A 140 17.27 -7.21 -21.17
CA THR A 140 17.41 -7.56 -22.58
C THR A 140 16.08 -7.41 -23.30
N THR A 141 14.97 -7.25 -22.56
CA THR A 141 13.65 -7.04 -23.11
C THR A 141 12.99 -5.78 -22.53
N GLN A 142 11.86 -5.43 -23.10
CA GLN A 142 11.13 -4.23 -22.70
C GLN A 142 10.39 -4.29 -21.38
N PHE A 143 10.23 -5.49 -20.81
CA PHE A 143 9.48 -5.69 -19.61
C PHE A 143 10.45 -5.49 -18.45
N VAL A 144 10.60 -4.22 -18.08
CA VAL A 144 11.53 -3.83 -17.04
CA VAL A 144 11.56 -3.74 -17.08
C VAL A 144 10.81 -3.04 -15.96
N ASN A 145 11.08 -3.43 -14.71
CA ASN A 145 10.48 -2.82 -13.52
C ASN A 145 11.28 -3.17 -12.27
N ASP A 146 10.82 -2.77 -11.08
CA ASP A 146 11.60 -2.95 -9.87
CA ASP A 146 11.63 -2.95 -9.88
C ASP A 146 12.01 -4.41 -9.57
N ALA A 147 11.18 -5.37 -10.00
CA ALA A 147 11.44 -6.81 -9.79
C ALA A 147 12.00 -7.50 -11.04
N GLU A 148 11.66 -7.02 -12.22
CA GLU A 148 12.13 -7.65 -13.48
C GLU A 148 13.19 -6.83 -14.18
N HIS A 149 14.43 -7.34 -14.18
CA HIS A 149 15.56 -6.61 -14.71
C HIS A 149 16.74 -7.57 -14.90
N ASN A 150 16.73 -8.25 -16.04
CA ASN A 150 17.59 -9.44 -16.21
C ASN A 150 19.01 -9.12 -16.61
N VAL A 151 19.36 -7.83 -16.57
CA VAL A 151 20.74 -7.37 -16.73
C VAL A 151 21.26 -6.68 -15.47
N ASP A 152 20.53 -5.71 -14.93
CA ASP A 152 20.97 -5.06 -13.67
C ASP A 152 19.86 -4.23 -13.05
N ARG A 153 20.03 -3.96 -11.77
CA ARG A 153 19.30 -2.89 -11.08
C ARG A 153 20.30 -2.19 -10.18
N TYR A 154 20.32 -0.86 -10.24
CA TYR A 154 21.26 -0.07 -9.49
C TYR A 154 20.56 1.05 -8.77
N ASP A 155 20.69 1.06 -7.44
CA ASP A 155 20.00 2.04 -6.59
C ASP A 155 20.93 3.09 -6.02
N GLU A 156 20.41 4.31 -5.88
CA GLU A 156 21.05 5.34 -5.03
C GLU A 156 20.08 5.94 -4.00
N THR A 157 20.59 6.18 -2.80
CA THR A 157 19.74 6.60 -1.68
C THR A 157 20.22 7.83 -0.83
N ASP A 158 21.43 8.37 -1.11
CA ASP A 158 21.94 9.61 -0.44
C ASP A 158 21.37 10.90 -0.95
N ASN A 159 21.17 11.86 -0.07
CA ASN A 159 20.91 13.26 -0.46
C ASN A 159 19.70 13.52 -1.28
N LEU A 160 18.75 12.59 -1.26
CA LEU A 160 17.64 12.69 -2.18
C LEU A 160 16.81 13.93 -1.87
N ASP A 161 16.87 14.44 -0.63
CA ASP A 161 16.14 15.67 -0.32
CA ASP A 161 16.19 15.68 -0.27
C ASP A 161 16.67 16.85 -1.14
N ALA A 162 17.94 16.81 -1.51
CA ALA A 162 18.50 17.87 -2.36
C ALA A 162 17.94 17.88 -3.80
N TYR A 163 17.22 16.82 -4.19
CA TYR A 163 16.56 16.79 -5.51
C TYR A 163 15.05 16.90 -5.47
N ASP A 164 14.50 17.15 -4.29
CA ASP A 164 13.04 17.23 -4.08
C ASP A 164 12.40 18.58 -4.47
N GLU A 165 12.50 18.89 -5.76
CA GLU A 165 11.95 20.10 -6.32
C GLU A 165 11.82 19.90 -7.82
N THR A 166 10.72 20.36 -8.40
CA THR A 166 10.53 20.27 -9.84
C THR A 166 11.72 20.87 -10.61
N GLY A 167 12.22 20.15 -11.61
CA GLY A 167 13.29 20.64 -12.46
C GLY A 167 14.69 20.19 -12.07
N LYS A 168 14.87 19.69 -10.86
CA LYS A 168 16.16 19.17 -10.42
C LYS A 168 16.68 18.02 -11.25
N LEU A 169 17.92 18.15 -11.75
CA LEU A 169 18.61 17.11 -12.53
C LEU A 169 19.33 16.12 -11.65
N TYR A 170 19.00 14.84 -11.81
CA TYR A 170 19.64 13.77 -11.09
C TYR A 170 20.49 12.95 -12.03
N THR A 171 21.78 12.81 -11.69
CA THR A 171 22.71 11.96 -12.46
C THR A 171 23.25 10.76 -11.65
N PHE A 172 22.97 9.54 -12.12
CA PHE A 172 23.49 8.32 -11.52
C PHE A 172 25.04 8.18 -11.72
N ALA A 173 25.69 7.48 -10.81
CA ALA A 173 27.06 7.02 -11.03
C ALA A 173 27.16 6.15 -12.27
N THR A 174 28.27 6.24 -13.01
CA THR A 174 28.44 5.41 -14.19
C THR A 174 28.61 3.96 -13.74
N ARG A 175 28.03 3.03 -14.48
CA ARG A 175 28.13 1.62 -14.16
CA ARG A 175 28.14 1.61 -14.15
C ARG A 175 28.76 0.87 -15.34
N ASP A 176 29.71 -0.02 -15.06
CA ASP A 176 30.40 -0.79 -16.09
C ASP A 176 29.95 -2.27 -16.11
N TYR A 177 29.70 -2.82 -17.29
CA TYR A 177 29.07 -4.14 -17.42
C TYR A 177 29.93 -5.11 -18.22
N THR A 178 31.22 -4.87 -18.14
CA THR A 178 32.21 -5.71 -18.84
C THR A 178 32.06 -7.25 -18.72
N ASP A 179 31.90 -7.77 -17.51
CA ASP A 179 31.76 -9.23 -17.29
C ASP A 179 30.30 -9.79 -17.18
N ASN A 180 29.29 -8.95 -17.44
CA ASN A 180 27.91 -9.38 -17.41
C ASN A 180 27.53 -10.06 -18.77
N SER A 181 27.40 -11.39 -18.74
CA SER A 181 27.19 -12.16 -19.98
C SER A 181 25.87 -11.81 -20.71
N MSE A 182 24.84 -11.57 -19.89
CA MSE A 182 23.53 -11.11 -20.37
C MSE A 182 23.65 -9.73 -21.03
O MSE A 182 23.12 -9.52 -22.11
CB MSE A 182 22.53 -11.06 -19.21
CG MSE A 182 22.14 -12.45 -18.73
SE MSE A 182 20.74 -13.27 -19.82
CE MSE A 182 20.85 -12.31 -21.53
N PHE A 183 24.36 -8.82 -20.37
CA PHE A 183 24.68 -7.50 -20.97
C PHE A 183 25.45 -7.63 -22.29
N GLN A 184 26.57 -8.35 -22.25
CA GLN A 184 27.44 -8.44 -23.38
C GLN A 184 26.66 -9.11 -24.49
N THR A 185 25.75 -10.02 -24.10
CA THR A 185 24.92 -10.70 -25.10
C THR A 185 23.89 -9.72 -25.70
N ALA A 186 23.30 -8.89 -24.84
CA ALA A 186 22.33 -7.88 -25.24
C ALA A 186 22.99 -6.89 -26.20
N LEU A 187 24.18 -6.40 -25.87
CA LEU A 187 24.98 -5.64 -26.84
C LEU A 187 25.12 -6.38 -28.19
N LYS A 188 25.64 -7.61 -28.15
CA LYS A 188 25.89 -8.37 -29.39
C LYS A 188 24.63 -8.68 -30.16
N ARG A 189 23.52 -8.95 -29.47
CA ARG A 189 22.21 -9.15 -30.13
C ARG A 189 21.62 -7.82 -30.52
N GLY A 190 22.09 -6.75 -29.89
CA GLY A 190 21.64 -5.42 -30.23
C GLY A 190 20.38 -5.03 -29.50
N THR A 191 20.16 -5.59 -28.31
CA THR A 191 18.90 -5.44 -27.57
C THR A 191 19.16 -5.11 -26.11
N LEU A 192 19.32 -3.83 -25.79
CA LEU A 192 19.43 -3.42 -24.42
C LEU A 192 18.41 -2.33 -24.07
N PHE A 193 17.57 -2.65 -23.07
CA PHE A 193 16.51 -1.79 -22.56
C PHE A 193 16.83 -1.29 -21.17
N GLY A 194 16.32 -0.12 -20.85
CA GLY A 194 16.54 0.49 -19.52
C GLY A 194 15.29 1.19 -19.06
N ARG A 195 15.27 1.50 -17.79
CA ARG A 195 14.19 2.24 -17.19
C ARG A 195 14.71 2.87 -15.91
N ILE A 196 14.06 3.96 -15.51
CA ILE A 196 14.38 4.66 -14.28
C ILE A 196 13.13 4.75 -13.41
N CYS A 197 13.36 4.69 -12.11
CA CYS A 197 12.29 4.77 -11.12
C CYS A 197 12.59 5.77 -10.01
N ILE A 198 11.60 6.58 -9.66
CA ILE A 198 11.53 7.32 -8.40
C ILE A 198 10.54 6.59 -7.49
N TRP A 199 11.00 6.24 -6.30
CA TRP A 199 10.12 5.70 -5.27
C TRP A 199 9.71 6.78 -4.25
N PRO A 200 8.46 7.25 -4.31
CA PRO A 200 8.10 8.32 -3.36
C PRO A 200 7.99 7.80 -1.93
N LYS A 201 8.43 8.59 -0.96
CA LYS A 201 8.18 8.26 0.46
C LYS A 201 6.71 8.10 0.70
N GLY A 202 6.30 7.03 1.33
CA GLY A 202 4.85 6.84 1.57
C GLY A 202 4.10 6.05 0.48
N SER A 203 4.72 5.82 -0.67
CA SER A 203 4.08 5.08 -1.75
C SER A 203 4.40 3.56 -1.62
N ASP A 204 3.45 2.72 -2.03
CA ASP A 204 3.64 1.28 -2.10
C ASP A 204 4.27 0.87 -3.41
N GLN A 205 4.52 1.83 -4.28
CA GLN A 205 4.91 1.59 -5.66
C GLN A 205 5.81 2.71 -6.21
N GLY A 206 6.69 2.33 -7.11
CA GLY A 206 7.49 3.30 -7.86
C GLY A 206 6.72 3.93 -9.00
N ILE A 207 7.20 5.11 -9.40
CA ILE A 207 6.81 5.77 -10.64
C ILE A 207 8.03 5.72 -11.54
N TYR A 208 7.79 5.62 -12.84
CA TYR A 208 8.87 5.28 -13.74
C TYR A 208 8.99 6.23 -14.90
N SER A 209 10.15 6.20 -15.54
CA SER A 209 10.29 6.70 -16.91
C SER A 209 9.62 5.72 -17.88
N LYS A 210 9.45 6.12 -19.13
CA LYS A 210 9.20 5.15 -20.17
C LYS A 210 10.41 4.21 -20.30
N VAL A 211 10.17 2.99 -20.80
CA VAL A 211 11.26 2.11 -21.25
C VAL A 211 12.06 2.83 -22.34
N ILE A 212 13.38 2.67 -22.26
CA ILE A 212 14.33 3.26 -23.18
C ILE A 212 15.08 2.12 -23.83
N ARG A 213 15.22 2.20 -25.14
CA ARG A 213 16.09 1.25 -25.77
C ARG A 213 17.46 1.87 -25.94
N LEU A 214 18.47 1.31 -25.26
CA LEU A 214 19.82 1.90 -25.27
C LEU A 214 20.59 1.45 -26.48
N LYS A 215 20.29 0.25 -26.92
CA LYS A 215 20.83 -0.29 -28.15
C LYS A 215 19.73 -1.17 -28.72
N GLU B 10 18.43 -18.67 18.79
CA GLU B 10 18.98 -17.41 18.19
C GLU B 10 18.44 -16.15 18.89
N SER B 11 18.90 -14.96 18.48
CA SER B 11 18.57 -13.72 19.20
C SER B 11 17.25 -13.17 18.76
N MSE B 12 16.34 -12.97 19.71
CA MSE B 12 15.01 -12.51 19.39
C MSE B 12 14.93 -10.97 19.46
O MSE B 12 15.10 -10.41 20.53
CB MSE B 12 14.01 -13.09 20.37
CG MSE B 12 13.86 -14.55 20.23
SE MSE B 12 12.34 -15.14 21.23
CE MSE B 12 11.16 -13.66 20.87
N LEU B 13 14.64 -10.35 18.34
CA LEU B 13 14.37 -8.94 18.30
C LEU B 13 12.86 -8.82 18.40
N THR B 14 12.38 -8.11 19.40
CA THR B 14 10.94 -7.93 19.56
C THR B 14 10.68 -6.44 19.75
N GLY B 15 9.44 -6.03 19.51
CA GLY B 15 9.02 -4.68 19.78
C GLY B 15 7.60 -4.40 19.36
N ARG B 16 7.23 -3.12 19.38
CA ARG B 16 5.88 -2.68 19.08
C ARG B 16 5.91 -1.54 18.08
N VAL B 17 4.93 -1.53 17.18
CA VAL B 17 4.62 -0.35 16.36
C VAL B 17 3.65 0.44 17.21
N MSE B 18 4.01 1.70 17.52
CA MSE B 18 3.26 2.46 18.52
C MSE B 18 3.16 3.92 18.15
O MSE B 18 3.90 4.42 17.29
CB MSE B 18 3.97 2.34 19.86
CG MSE B 18 5.42 2.58 19.74
SE MSE B 18 5.82 3.53 21.29
CE MSE B 18 6.12 1.90 22.32
N TYR B 19 2.20 4.59 18.79
CA TYR B 19 2.06 6.04 18.72
C TYR B 19 1.84 6.57 20.16
N ASN B 20 2.72 7.47 20.56
CA ASN B 20 2.64 8.11 21.88
CA ASN B 20 2.66 8.10 21.88
C ASN B 20 2.52 7.07 22.99
N GLY B 21 3.30 6.01 22.91
CA GLY B 21 3.35 4.99 23.95
C GLY B 21 2.41 3.81 23.81
N GLU B 22 1.41 3.93 22.93
CA GLU B 22 0.42 2.91 22.74
C GLU B 22 0.63 2.08 21.48
N ALA B 23 0.73 0.76 21.63
CA ALA B 23 0.79 -0.18 20.49
C ALA B 23 -0.47 -0.04 19.58
N LEU B 24 -0.29 -0.03 18.27
CA LEU B 24 -1.41 0.10 17.34
C LEU B 24 -2.13 -1.23 17.17
N GLN B 25 -3.43 -1.14 16.99
CA GLN B 25 -4.30 -2.33 16.69
C GLN B 25 -4.45 -2.48 15.17
N LEU B 26 -3.94 -3.60 14.65
CA LEU B 26 -3.76 -3.81 13.24
C LEU B 26 -4.32 -5.18 12.80
N ARG B 27 -4.31 -5.37 11.50
CA ARG B 27 -4.57 -6.63 10.91
C ARG B 27 -3.26 -7.44 11.04
N GLY B 28 -3.36 -8.62 11.61
CA GLY B 28 -2.24 -9.58 11.69
C GLY B 28 -2.03 -10.44 10.47
N ASN B 29 -1.38 -11.60 10.70
CA ASN B 29 -1.07 -12.59 9.65
C ASN B 29 -0.49 -11.98 8.39
N GLU B 30 0.61 -11.28 8.62
CA GLU B 30 1.55 -10.84 7.57
C GLU B 30 1.02 -9.74 6.69
N ALA B 31 -0.02 -9.02 7.10
CA ALA B 31 -0.51 -7.86 6.38
C ALA B 31 0.43 -6.68 6.48
N VAL B 32 1.10 -6.54 7.63
CA VAL B 32 1.89 -5.33 7.92
C VAL B 32 3.27 -5.82 8.30
N GLN B 33 4.29 -5.22 7.71
CA GLN B 33 5.66 -5.63 8.01
C GLN B 33 6.58 -4.44 8.21
N LEU B 34 7.63 -4.70 8.98
CA LEU B 34 8.76 -3.84 9.07
C LEU B 34 9.92 -4.48 8.31
N GLN B 35 10.92 -3.67 7.98
CA GLN B 35 12.09 -4.09 7.22
C GLN B 35 13.38 -3.83 7.99
N LEU B 36 14.26 -4.83 8.00
CA LEU B 36 15.58 -4.70 8.62
C LEU B 36 16.66 -4.78 7.55
N TYR B 37 17.46 -3.73 7.45
CA TYR B 37 18.55 -3.71 6.47
C TYR B 37 19.88 -3.96 7.16
N GLN B 38 20.71 -4.83 6.59
CA GLN B 38 22.02 -5.11 7.14
C GLN B 38 23.14 -4.52 6.29
N HIS B 39 22.84 -4.28 5.02
CA HIS B 39 23.88 -3.90 4.05
C HIS B 39 23.67 -2.53 3.40
N GLY B 40 22.99 -1.60 4.07
CA GLY B 40 22.67 -0.30 3.52
C GLY B 40 21.34 -0.32 2.74
N TYR B 41 20.67 0.84 2.70
CA TYR B 41 19.30 0.95 2.16
C TYR B 41 19.31 0.72 0.64
N ALA B 42 20.40 1.11 -0.03
CA ALA B 42 20.49 0.94 -1.47
C ALA B 42 20.43 -0.54 -1.94
N LYS B 43 20.85 -1.48 -1.10
CA LYS B 43 20.92 -2.90 -1.50
C LYS B 43 19.54 -3.56 -1.60
N HIS B 44 18.52 -2.86 -1.11
CA HIS B 44 17.13 -3.24 -1.29
C HIS B 44 16.86 -4.73 -0.98
N ASP B 45 17.47 -5.19 0.12
CA ASP B 45 17.43 -6.62 0.45
C ASP B 45 17.02 -6.85 1.91
N PRO B 46 15.90 -6.24 2.34
CA PRO B 46 15.63 -6.32 3.78
C PRO B 46 15.14 -7.69 4.24
N ILE B 47 15.29 -7.95 5.53
CA ILE B 47 14.66 -9.08 6.20
C ILE B 47 13.29 -8.58 6.58
N ASN B 48 12.25 -9.32 6.25
CA ASN B 48 10.88 -8.92 6.64
C ASN B 48 10.51 -9.37 8.01
N VAL B 49 9.85 -8.48 8.73
CA VAL B 49 9.45 -8.73 10.09
C VAL B 49 7.95 -8.46 10.18
N TYR B 50 7.15 -9.45 10.59
CA TYR B 50 5.70 -9.30 10.53
C TYR B 50 5.14 -8.83 11.88
N VAL B 51 4.14 -7.94 11.79
CA VAL B 51 3.52 -7.38 12.97
C VAL B 51 2.19 -8.11 13.26
N ASN B 52 1.87 -8.33 14.52
CA ASN B 52 0.64 -9.04 14.86
C ASN B 52 -0.51 -8.08 15.08
N GLN B 53 -1.67 -8.64 15.44
CA GLN B 53 -2.90 -7.87 15.63
C GLN B 53 -2.75 -6.77 16.67
N ASP B 54 -1.86 -6.98 17.64
CA ASP B 54 -1.69 -6.09 18.77
C ASP B 54 -0.49 -5.19 18.59
N GLY B 55 0.02 -5.14 17.36
CA GLY B 55 1.13 -4.25 17.03
C GLY B 55 2.51 -4.72 17.42
N MSE B 56 2.63 -5.99 17.81
CA MSE B 56 3.89 -6.54 18.27
C MSE B 56 4.52 -7.37 17.17
O MSE B 56 3.83 -8.01 16.37
CB MSE B 56 3.68 -7.43 19.50
CG MSE B 56 2.91 -6.76 20.56
SE MSE B 56 2.45 -7.96 22.06
CE MSE B 56 3.97 -9.17 22.10
N TYR B 57 5.84 -7.40 17.17
CA TYR B 57 6.61 -8.23 16.26
C TYR B 57 7.68 -8.98 17.02
N SER B 58 8.13 -10.06 16.39
CA SER B 58 9.22 -10.86 16.90
C SER B 58 9.96 -11.45 15.70
N ALA B 59 11.27 -11.39 15.73
CA ALA B 59 12.12 -11.97 14.70
C ALA B 59 13.33 -12.60 15.35
N ASN B 60 13.74 -13.76 14.83
CA ASN B 60 14.96 -14.45 15.27
C ASN B 60 16.07 -14.15 14.30
N LEU B 61 17.14 -13.56 14.81
CA LEU B 61 18.20 -13.00 14.00
C LEU B 61 19.56 -13.39 14.57
N PHE B 62 20.62 -13.22 13.76
CA PHE B 62 21.99 -13.16 14.26
C PHE B 62 22.26 -11.82 14.91
N ASP B 63 23.07 -11.84 15.97
CA ASP B 63 23.61 -10.64 16.56
C ASP B 63 24.28 -9.78 15.49
N GLY B 64 24.23 -8.47 15.72
CA GLY B 64 24.79 -7.51 14.78
C GLY B 64 24.01 -6.21 14.74
N GLU B 65 24.39 -5.38 13.77
CA GLU B 65 23.82 -4.06 13.60
CA GLU B 65 23.83 -4.07 13.63
C GLU B 65 22.84 -4.08 12.45
N TYR B 66 21.66 -3.50 12.67
CA TYR B 66 20.61 -3.49 11.68
C TYR B 66 20.03 -2.08 11.61
N GLN B 67 19.46 -1.77 10.46
CA GLN B 67 18.71 -0.53 10.29
C GLN B 67 17.26 -0.91 10.02
N MSE B 68 16.36 -0.49 10.91
CA MSE B 68 14.97 -0.87 10.86
C MSE B 68 14.11 0.31 10.38
O MSE B 68 14.31 1.45 10.82
CB MSE B 68 14.51 -1.28 12.27
CG MSE B 68 13.11 -1.73 12.34
SE MSE B 68 12.72 -2.67 14.03
CE MSE B 68 12.22 -4.37 13.28
N ILE B 69 13.12 0.01 9.56
CA ILE B 69 12.25 1.06 9.02
C ILE B 69 10.92 0.42 8.65
N THR B 70 9.83 1.20 8.69
CA THR B 70 8.55 0.70 8.18
C THR B 70 8.65 0.52 6.66
N LYS B 71 7.86 -0.40 6.13
CA LYS B 71 7.79 -0.60 4.68
C LYS B 71 6.97 0.53 4.10
N SER B 72 7.56 1.25 3.13
CA SER B 72 6.89 2.36 2.49
C SER B 72 5.50 2.00 1.99
N GLY B 73 4.53 2.77 2.44
CA GLY B 73 3.13 2.59 2.08
C GLY B 73 2.36 1.48 2.77
N ASN B 74 3.00 0.68 3.64
CA ASN B 74 2.35 -0.48 4.28
C ASN B 74 2.03 -0.15 5.74
N GLY B 75 0.75 -0.02 6.05
CA GLY B 75 0.31 0.24 7.41
C GLY B 75 -0.52 1.52 7.52
N PRO B 76 -1.41 1.58 8.51
CA PRO B 76 -2.30 2.75 8.62
C PRO B 76 -1.65 3.96 9.31
N TRP B 77 -0.65 4.50 8.65
CA TRP B 77 0.06 5.67 9.11
C TRP B 77 0.69 6.39 7.93
N THR B 78 1.10 7.64 8.14
CA THR B 78 1.70 8.42 7.07
C THR B 78 3.20 8.15 7.07
N SER B 79 3.90 8.75 6.10
CA SER B 79 5.31 8.66 6.04
C SER B 79 5.96 9.76 6.87
N GLU B 80 5.16 10.53 7.61
CA GLU B 80 5.70 11.55 8.55
CA GLU B 80 5.73 11.55 8.50
C GLU B 80 6.56 10.90 9.60
N GLY B 81 7.81 11.32 9.72
CA GLY B 81 8.73 10.79 10.71
C GLY B 81 9.30 9.42 10.37
N ARG B 82 9.05 8.95 9.15
CA ARG B 82 9.61 7.68 8.71
C ARG B 82 11.10 7.83 8.42
N ASP B 83 11.88 7.11 9.19
CA ASP B 83 13.35 7.11 9.03
C ASP B 83 13.92 5.80 9.57
N THR B 84 15.16 5.49 9.23
CA THR B 84 15.79 4.27 9.77
C THR B 84 16.11 4.39 11.27
N ILE B 85 15.96 3.28 11.96
CA ILE B 85 16.28 3.15 13.34
C ILE B 85 17.48 2.23 13.43
N ASN B 86 18.55 2.68 14.08
CA ASN B 86 19.77 1.89 14.23
C ASN B 86 19.58 0.95 15.42
N VAL B 87 19.68 -0.35 15.18
CA VAL B 87 19.48 -1.37 16.23
C VAL B 87 20.67 -2.29 16.39
N THR B 88 21.16 -2.44 17.61
CA THR B 88 22.21 -3.38 17.92
C THR B 88 21.55 -4.59 18.54
N VAL B 89 21.57 -5.70 17.83
CA VAL B 89 21.01 -6.91 18.36
C VAL B 89 22.21 -7.61 19.06
N ALA B 90 22.09 -7.80 20.35
CA ALA B 90 23.14 -8.47 21.17
C ALA B 90 22.38 -9.32 22.15
N GLY B 91 22.15 -10.57 21.79
CA GLY B 91 21.14 -11.36 22.47
C GLY B 91 19.74 -10.80 22.25
N ASN B 92 18.77 -11.30 22.99
CA ASN B 92 17.41 -10.82 22.83
C ASN B 92 17.36 -9.32 23.08
N THR B 93 16.65 -8.60 22.20
CA THR B 93 16.76 -7.16 22.16
C THR B 93 15.35 -6.58 21.84
N VAL B 94 15.00 -5.50 22.50
CA VAL B 94 13.74 -4.82 22.28
C VAL B 94 13.94 -3.53 21.47
N GLN B 95 13.09 -3.31 20.48
CA GLN B 95 13.13 -2.06 19.71
C GLN B 95 11.75 -1.73 19.19
N ASP B 96 11.20 -0.63 19.68
CA ASP B 96 9.94 -0.12 19.22
C ASP B 96 10.09 0.85 18.05
N VAL B 97 8.99 1.01 17.31
CA VAL B 97 8.94 1.86 16.14
C VAL B 97 7.81 2.83 16.34
N GLU B 98 8.09 4.13 16.24
CA GLU B 98 7.07 5.15 16.38
C GLU B 98 6.53 5.51 15.02
N VAL B 99 5.22 5.55 14.86
CA VAL B 99 4.60 5.98 13.61
C VAL B 99 3.54 7.05 13.87
N THR B 100 3.14 7.71 12.79
CA THR B 100 2.08 8.71 12.83
C THR B 100 0.79 8.19 12.19
N PRO B 101 -0.16 7.75 13.02
CA PRO B 101 -1.45 7.25 12.47
C PRO B 101 -2.25 8.32 11.76
N TYR B 102 -3.10 7.89 10.84
CA TYR B 102 -4.10 8.77 10.31
C TYR B 102 -5.19 9.04 11.38
N TYR B 103 -5.71 7.94 11.96
CA TYR B 103 -6.80 7.93 12.95
C TYR B 103 -6.50 6.84 13.97
N LEU B 104 -7.14 6.97 15.13
CA LEU B 104 -7.22 5.88 16.10
C LEU B 104 -8.69 5.69 16.45
N VAL B 105 -9.04 4.46 16.76
CA VAL B 105 -10.39 4.11 17.18
C VAL B 105 -10.44 4.18 18.70
N ARG B 106 -11.23 5.11 19.25
CA ARG B 106 -11.33 5.27 20.71
C ARG B 106 -12.66 4.88 21.27
N ASP B 107 -12.65 4.49 22.57
CA ASP B 107 -13.87 4.14 23.27
CA ASP B 107 -13.88 4.12 23.28
C ASP B 107 -14.76 3.15 22.49
N ALA B 108 -14.15 2.18 21.80
CA ALA B 108 -14.98 1.21 21.08
C ALA B 108 -15.90 0.47 22.04
N GLN B 109 -17.16 0.30 21.65
CA GLN B 109 -18.17 -0.39 22.44
C GLN B 109 -18.96 -1.25 21.48
N MSE B 110 -19.09 -2.52 21.84
CA MSE B 110 -19.92 -3.44 21.09
C MSE B 110 -20.70 -4.28 22.11
O MSE B 110 -20.08 -4.82 23.04
CB MSE B 110 -19.06 -4.34 20.21
CG MSE B 110 -18.32 -3.56 19.11
SE MSE B 110 -17.22 -4.77 18.05
CE MSE B 110 -18.62 -5.51 16.97
N THR B 111 -22.01 -4.31 21.99
CA THR B 111 -22.86 -4.99 22.95
C THR B 111 -23.78 -5.98 22.21
N LEU B 112 -23.97 -7.15 22.83
CA LEU B 112 -24.85 -8.18 22.32
C LEU B 112 -26.07 -8.21 23.20
N GLU B 113 -27.26 -8.12 22.58
CA GLU B 113 -28.53 -8.20 23.30
C GLU B 113 -29.49 -9.07 22.49
N GLY B 114 -29.61 -10.33 22.91
CA GLY B 114 -30.40 -11.33 22.20
C GLY B 114 -29.75 -11.56 20.85
N ASN B 115 -30.45 -11.25 19.76
CA ASN B 115 -29.87 -11.40 18.42
C ASN B 115 -29.37 -10.09 17.81
N LYS B 116 -29.28 -9.05 18.63
CA LYS B 116 -28.86 -7.71 18.16
C LYS B 116 -27.48 -7.36 18.64
N VAL B 117 -26.74 -6.69 17.76
CA VAL B 117 -25.43 -6.14 18.09
C VAL B 117 -25.50 -4.65 17.84
N ASN B 118 -25.05 -3.90 18.84
CA ASN B 118 -24.91 -2.48 18.74
C ASN B 118 -23.44 -2.14 18.85
N ALA B 119 -22.97 -1.22 18.01
CA ALA B 119 -21.54 -0.86 17.97
C ALA B 119 -21.39 0.64 17.82
N SER B 120 -20.40 1.17 18.52
CA SER B 120 -20.03 2.59 18.42
C SER B 120 -18.58 2.82 18.78
N PHE B 121 -18.06 3.99 18.40
CA PHE B 121 -16.73 4.34 18.77
C PHE B 121 -16.57 5.83 18.58
N LYS B 122 -15.49 6.33 19.11
CA LYS B 122 -15.13 7.75 18.95
C LYS B 122 -13.94 7.91 18.05
N VAL B 123 -13.98 8.90 17.18
CA VAL B 123 -12.87 9.19 16.28
C VAL B 123 -11.76 9.95 16.98
N GLU B 124 -10.54 9.45 16.88
CA GLU B 124 -9.39 10.33 17.13
C GLU B 124 -8.65 10.59 15.82
N LYS B 125 -8.57 11.85 15.43
CA LYS B 125 -7.91 12.24 14.19
C LYS B 125 -6.49 12.65 14.55
N VAL B 126 -5.52 12.02 13.91
CA VAL B 126 -4.10 12.30 14.21
C VAL B 126 -3.61 13.01 12.94
N ALA B 127 -3.02 12.31 11.98
CA ALA B 127 -2.67 12.95 10.72
C ALA B 127 -3.89 13.34 9.88
N GLY B 128 -4.99 12.58 10.00
CA GLY B 128 -6.17 12.85 9.18
C GLY B 128 -6.03 12.55 7.71
N GLY B 129 -6.93 13.10 6.90
CA GLY B 129 -6.91 12.87 5.46
C GLY B 129 -8.24 12.30 4.96
N GLY B 130 -9.13 12.00 5.90
CA GLY B 130 -10.49 11.59 5.56
C GLY B 130 -10.66 10.11 5.82
N ILE B 131 -11.92 9.73 5.94
CA ILE B 131 -12.28 8.38 6.32
C ILE B 131 -12.97 7.72 5.12
N ASP B 132 -12.41 6.61 4.66
CA ASP B 132 -12.94 5.89 3.48
C ASP B 132 -14.12 4.96 3.79
N ARG B 133 -14.03 4.24 4.91
CA ARG B 133 -15.01 3.26 5.35
C ARG B 133 -14.93 3.18 6.85
N VAL B 134 -16.04 2.85 7.48
CA VAL B 134 -16.04 2.37 8.84
C VAL B 134 -16.82 1.08 8.88
N PHE B 135 -16.37 0.12 9.68
CA PHE B 135 -17.04 -1.18 9.70
C PHE B 135 -16.77 -1.90 10.98
N PHE B 136 -17.61 -2.89 11.25
CA PHE B 136 -17.32 -3.83 12.30
C PHE B 136 -17.41 -5.28 11.78
N MSE B 137 -16.75 -6.14 12.53
CA MSE B 137 -16.60 -7.56 12.24
C MSE B 137 -17.03 -8.36 13.44
O MSE B 137 -16.81 -7.96 14.59
CB MSE B 137 -15.14 -7.86 11.91
CG MSE B 137 -14.63 -7.12 10.67
SE MSE B 137 -12.87 -6.34 10.89
CE MSE B 137 -13.52 -4.70 11.89
N LEU B 138 -17.54 -9.57 13.16
CA LEU B 138 -17.88 -10.52 14.17
C LEU B 138 -17.25 -11.86 13.78
N SER B 139 -16.84 -12.59 14.79
CA SER B 139 -16.05 -13.80 14.58
C SER B 139 -16.17 -14.76 15.76
N THR B 140 -15.98 -16.04 15.52
CA THR B 140 -15.98 -16.99 16.63
C THR B 140 -14.63 -17.10 17.31
N THR B 141 -13.58 -16.50 16.75
CA THR B 141 -12.29 -16.43 17.40
C THR B 141 -11.72 -15.04 17.46
N GLN B 142 -10.68 -14.89 18.25
CA GLN B 142 -10.06 -13.61 18.48
C GLN B 142 -9.34 -12.95 17.28
N PHE B 143 -9.06 -13.70 16.22
CA PHE B 143 -8.33 -13.17 15.05
C PHE B 143 -9.35 -12.65 14.08
N VAL B 144 -9.45 -11.33 14.02
CA VAL B 144 -10.54 -10.64 13.37
C VAL B 144 -9.96 -9.44 12.63
N ASN B 145 -10.23 -9.35 11.34
CA ASN B 145 -9.76 -8.22 10.52
C ASN B 145 -10.58 -8.05 9.28
N ASP B 146 -10.20 -7.14 8.37
CA ASP B 146 -11.06 -6.82 7.24
C ASP B 146 -11.32 -8.05 6.33
N ALA B 147 -10.39 -9.01 6.33
CA ALA B 147 -10.57 -10.26 5.53
C ALA B 147 -11.04 -11.46 6.37
N GLU B 148 -10.77 -11.46 7.64
CA GLU B 148 -11.04 -12.63 8.47
C GLU B 148 -12.16 -12.27 9.46
N HIS B 149 -13.38 -12.74 9.17
CA HIS B 149 -14.53 -12.43 10.03
C HIS B 149 -15.62 -13.43 9.78
N ASN B 150 -15.53 -14.60 10.44
CA ASN B 150 -16.36 -15.75 10.04
C ASN B 150 -17.83 -15.69 10.46
N VAL B 151 -18.25 -14.62 11.14
CA VAL B 151 -19.65 -14.41 11.45
C VAL B 151 -20.26 -13.27 10.60
N ASP B 152 -19.64 -12.11 10.58
CA ASP B 152 -20.11 -11.03 9.74
C ASP B 152 -19.08 -9.91 9.58
N ARG B 153 -19.23 -9.14 8.50
CA ARG B 153 -18.59 -7.85 8.38
C ARG B 153 -19.67 -6.90 7.85
N TYR B 154 -19.84 -5.77 8.53
CA TYR B 154 -20.88 -4.82 8.23
C TYR B 154 -20.23 -3.45 8.10
N ASP B 155 -20.36 -2.84 6.91
CA ASP B 155 -19.77 -1.52 6.59
C ASP B 155 -20.84 -0.46 6.43
N GLU B 156 -20.44 0.75 6.77
CA GLU B 156 -21.21 1.96 6.43
C GLU B 156 -20.27 2.93 5.75
N THR B 157 -20.71 3.52 4.64
CA THR B 157 -19.81 4.33 3.83
C THR B 157 -20.37 5.71 3.46
N ASP B 158 -21.56 6.06 3.95
CA ASP B 158 -22.18 7.36 3.63
C ASP B 158 -21.90 8.46 4.67
N ASN B 159 -21.69 9.68 4.20
CA ASN B 159 -21.60 10.85 5.08
CA ASN B 159 -21.56 10.88 5.04
C ASN B 159 -20.46 10.76 6.11
N LEU B 160 -19.36 10.09 5.77
CA LEU B 160 -18.31 9.87 6.77
C LEU B 160 -17.56 11.17 7.07
N ASP B 161 -17.61 12.10 6.14
CA ASP B 161 -16.94 13.38 6.37
CA ASP B 161 -16.99 13.41 6.33
C ASP B 161 -17.47 14.10 7.60
N ALA B 162 -18.72 13.83 7.95
CA ALA B 162 -19.36 14.45 9.11
C ALA B 162 -18.73 14.04 10.44
N TYR B 163 -17.94 12.97 10.45
CA TYR B 163 -17.29 12.45 11.65
C TYR B 163 -15.77 12.64 11.65
N ASP B 164 -15.25 13.38 10.68
CA ASP B 164 -13.82 13.55 10.53
C ASP B 164 -13.26 14.66 11.44
N GLU B 165 -13.42 14.46 12.75
CA GLU B 165 -12.97 15.40 13.77
C GLU B 165 -12.76 14.57 15.01
N THR B 166 -11.70 14.82 15.77
CA THR B 166 -11.52 14.22 17.07
C THR B 166 -12.70 14.54 17.99
N GLY B 167 -13.21 13.47 18.60
CA GLY B 167 -14.31 13.47 19.53
C GLY B 167 -15.68 13.26 18.94
N LYS B 168 -15.81 13.10 17.60
CA LYS B 168 -17.07 12.67 17.00
C LYS B 168 -17.32 11.21 17.36
N LEU B 169 -18.57 10.91 17.67
CA LEU B 169 -19.03 9.54 18.04
C LEU B 169 -19.78 8.97 16.86
N TYR B 170 -19.34 7.79 16.43
CA TYR B 170 -19.97 7.12 15.28
C TYR B 170 -20.76 5.96 15.89
N THR B 171 -22.03 5.89 15.55
CA THR B 171 -22.91 4.79 15.99
C THR B 171 -23.43 4.06 14.76
N PHE B 172 -23.12 2.76 14.64
CA PHE B 172 -23.63 1.96 13.56
C PHE B 172 -25.11 1.72 13.72
N ALA B 173 -25.79 1.47 12.60
CA ALA B 173 -27.15 0.95 12.68
C ALA B 173 -27.15 -0.33 13.48
N THR B 174 -28.15 -0.50 14.34
CA THR B 174 -28.37 -1.75 15.03
C THR B 174 -28.48 -2.89 14.03
N ARG B 175 -27.77 -3.98 14.26
CA ARG B 175 -27.79 -5.14 13.36
C ARG B 175 -28.46 -6.31 14.03
N ASP B 176 -29.35 -6.99 13.32
CA ASP B 176 -30.04 -8.13 13.87
C ASP B 176 -29.63 -9.37 13.10
N TYR B 177 -29.27 -10.42 13.86
CA TYR B 177 -28.69 -11.64 13.29
C TYR B 177 -29.55 -12.88 13.53
N THR B 178 -30.85 -12.67 13.73
CA THR B 178 -31.82 -13.78 13.87
C THR B 178 -31.66 -14.81 12.76
N ASP B 179 -31.42 -14.34 11.54
CA ASP B 179 -31.33 -15.24 10.39
C ASP B 179 -29.95 -15.50 9.88
N ASN B 180 -28.93 -15.25 10.70
CA ASN B 180 -27.54 -15.52 10.36
C ASN B 180 -27.08 -16.82 11.06
N SER B 181 -26.92 -17.90 10.30
CA SER B 181 -26.63 -19.19 10.92
CA SER B 181 -26.64 -19.17 10.94
C SER B 181 -25.25 -19.19 11.59
N MSE B 182 -24.28 -18.46 11.03
CA MSE B 182 -22.94 -18.40 11.62
CA MSE B 182 -22.94 -18.39 11.64
CA MSE B 182 -22.94 -18.44 11.65
C MSE B 182 -23.01 -17.74 13.02
O MSE B 182 -22.32 -18.15 13.96
CB MSE B 182 -22.00 -17.65 10.66
CB MSE B 182 -21.96 -17.62 10.75
CB MSE B 182 -21.86 -17.78 10.74
CG MSE B 182 -21.76 -18.43 9.33
CG MSE B 182 -21.60 -18.32 9.46
CG MSE B 182 -21.09 -18.74 9.78
SE MSE B 182 -20.82 -17.41 7.95
SE MSE B 182 -22.86 -17.84 8.08
SE MSE B 182 -19.89 -20.14 10.50
CE MSE B 182 -21.68 -15.69 8.15
CE MSE B 182 -22.30 -15.99 7.76
CE MSE B 182 -18.58 -19.11 11.54
N PHE B 183 -23.84 -16.71 13.15
CA PHE B 183 -24.07 -15.98 14.41
C PHE B 183 -24.78 -16.90 15.41
N GLN B 184 -25.86 -17.54 14.98
CA GLN B 184 -26.57 -18.49 15.83
C GLN B 184 -25.63 -19.59 16.34
N THR B 185 -24.75 -20.07 15.49
CA THR B 185 -23.81 -21.09 15.91
C THR B 185 -22.77 -20.53 16.89
N ALA B 186 -22.35 -19.29 16.69
CA ALA B 186 -21.45 -18.62 17.63
C ALA B 186 -22.07 -18.54 19.02
N LEU B 187 -23.33 -18.18 19.08
CA LEU B 187 -24.05 -18.20 20.35
C LEU B 187 -24.09 -19.56 21.03
N LYS B 188 -24.33 -20.61 20.24
CA LYS B 188 -24.36 -22.00 20.75
C LYS B 188 -23.02 -22.47 21.27
N ARG B 189 -21.97 -22.12 20.55
CA ARG B 189 -20.57 -22.34 20.96
C ARG B 189 -20.15 -21.49 22.16
N GLY B 190 -20.88 -20.41 22.41
CA GLY B 190 -20.57 -19.51 23.51
C GLY B 190 -19.36 -18.62 23.26
N THR B 191 -19.02 -18.40 21.99
CA THR B 191 -17.83 -17.66 21.58
C THR B 191 -18.18 -16.66 20.47
N LEU B 192 -18.24 -15.39 20.84
CA LEU B 192 -18.43 -14.35 19.85
C LEU B 192 -17.52 -13.17 20.15
N PHE B 193 -16.70 -12.82 19.16
CA PHE B 193 -15.76 -11.70 19.25
C PHE B 193 -16.15 -10.65 18.21
N GLY B 194 -15.80 -9.40 18.52
CA GLY B 194 -16.04 -8.31 17.62
C GLY B 194 -14.88 -7.36 17.56
N ARG B 195 -14.84 -6.59 16.48
CA ARG B 195 -13.82 -5.59 16.27
C ARG B 195 -14.38 -4.49 15.39
N ILE B 196 -13.86 -3.27 15.55
CA ILE B 196 -14.25 -2.10 14.76
C ILE B 196 -13.05 -1.60 13.97
N CYS B 197 -13.30 -1.10 12.78
CA CYS B 197 -12.24 -0.57 11.93
C CYS B 197 -12.58 0.78 11.30
N ILE B 198 -11.63 1.69 11.39
CA ILE B 198 -11.60 2.89 10.54
C ILE B 198 -10.60 2.64 9.42
N TRP B 199 -11.04 2.82 8.17
CA TRP B 199 -10.15 2.74 7.00
C TRP B 199 -9.84 4.16 6.52
N PRO B 200 -8.64 4.65 6.79
CA PRO B 200 -8.33 6.01 6.36
C PRO B 200 -8.16 6.10 4.86
N LYS B 201 -8.65 7.19 4.28
CA LYS B 201 -8.39 7.50 2.86
C LYS B 201 -6.90 7.53 2.61
N GLY B 202 -6.45 6.81 1.60
CA GLY B 202 -5.04 6.80 1.25
C GLY B 202 -4.28 5.66 1.88
N SER B 203 -4.89 4.93 2.82
CA SER B 203 -4.18 3.91 3.53
C SER B 203 -4.34 2.55 2.84
N ASP B 204 -3.30 1.70 2.89
CA ASP B 204 -3.44 0.33 2.41
C ASP B 204 -4.04 -0.64 3.44
N GLN B 205 -4.37 -0.12 4.64
CA GLN B 205 -4.68 -0.95 5.80
C GLN B 205 -5.68 -0.21 6.69
N GLY B 206 -6.52 -0.97 7.37
CA GLY B 206 -7.31 -0.45 8.47
C GLY B 206 -6.57 -0.23 9.75
N ILE B 207 -7.13 0.66 10.60
CA ILE B 207 -6.75 0.79 11.99
C ILE B 207 -7.95 0.33 12.76
N TYR B 208 -7.70 -0.37 13.88
CA TYR B 208 -8.77 -1.10 14.55
C TYR B 208 -8.95 -0.74 16.02
N SER B 209 -10.08 -1.17 16.58
CA SER B 209 -10.23 -1.28 18.00
C SER B 209 -9.50 -2.53 18.51
N LYS B 210 -9.40 -2.69 19.83
CA LYS B 210 -9.04 -4.02 20.38
C LYS B 210 -10.16 -4.96 20.07
N VAL B 211 -9.87 -6.24 20.10
CA VAL B 211 -10.91 -7.23 20.00
C VAL B 211 -11.77 -7.14 21.27
N ILE B 212 -13.09 -7.30 21.08
CA ILE B 212 -14.08 -7.32 22.15
C ILE B 212 -14.73 -8.68 22.21
N ARG B 213 -14.78 -9.29 23.39
CA ARG B 213 -15.51 -10.54 23.52
C ARG B 213 -16.94 -10.25 23.92
N LEU B 214 -17.86 -10.50 22.99
CA LEU B 214 -19.26 -10.22 23.19
CA LEU B 214 -19.27 -10.24 23.17
C LEU B 214 -19.97 -11.35 23.92
N LYS B 215 -19.49 -12.57 23.72
CA LYS B 215 -20.00 -13.72 24.43
C LYS B 215 -18.84 -14.69 24.63
#